data_8HNN
#
_entry.id   8HNN
#
_cell.length_a   1.00
_cell.length_b   1.00
_cell.length_c   1.00
_cell.angle_alpha   90.00
_cell.angle_beta   90.00
_cell.angle_gamma   90.00
#
_symmetry.space_group_name_H-M   'P 1'
#
loop_
_entity.id
_entity.type
_entity.pdbx_description
1 polymer Nb6
2 polymer 'Soluble cytochrome b562,C-X-C chemokine receptor type 3,Kappa-type opioid receptor'
3 non-polymer 3-azanyl-6-chloranyl-5-[(3S)-4-[1-[(4-chlorophenyl)methyl]piperidin-4-yl]-3-ethyl-piperazin-1-yl]pyrazine-2-carboxamide
4 non-polymer CHOLESTEROL
#
loop_
_entity_poly.entity_id
_entity_poly.type
_entity_poly.pdbx_seq_one_letter_code
_entity_poly.pdbx_strand_id
1 'polypeptide(L)'
;MLLVNQSHQGFNKEHTSKMVSAIVLYVLLAAAAHSAFAMAQVQLQESGGGLVQAGESLRLSCAASGTIFRLYDMGWYRRV
SGNQRELVASITSGGSTKYGDSVKGRFTISRDNAKNTVYLQMSSLKPEDTAVYYCNAEYRTGIWEELLDGWGQGTQVTVS
SHHHHHHHH
;
N
2 'polypeptide(L)'
;MKTIIALSYIFCLVFADYKDDDDKGSADLEDNWETLNDNLKVIEKADNAAQVKDALTKMRAAALDAQKATPPKLEDKSPD
SPEMKDFRHGFDILVGQIDDALKLANEGKVKEAQAAAEQLKTTRNAYIQKYLLVPRGSMVLEVSDHQVLNDAEVAALLEN
FSSSYDYGENESDSCCTSPPCPQDFSLNFDRAFLPALYSLLFLLGLLGNGAVAAVLLSRRTALSSTDTFLLHLAVADTLL
VLTLPLWAVDAAVQWVFGSGLCKVAGALFNINFYAGALLLACISFDRYLNIVHATQLYRRGPPARVTLTCLAVWGLCLLF
ALPDFIFLSAHHDERLNATHCQYNFPQVGRTALRVLQLVAGFLLPLLVMAYCYAHILARLKSVRLLSGSREKDRNLRRIT
RLVVVVVVAFALCWTPYHLVVLVDILMDLGALARNCGRESRVDVAKSVTSGLGYMHCCLNPLLYAFVGVKFRERMWMLLL
RLGCPNQRGLQRQPSSSRRDSSWSETS
;
R
#
# COMPACT_ATOMS: atom_id res chain seq x y z
N GLN A 41 5.36 11.82 24.15
CA GLN A 41 6.57 12.06 23.37
C GLN A 41 6.59 13.49 22.82
N VAL A 42 5.90 14.39 23.50
CA VAL A 42 5.83 15.80 23.11
C VAL A 42 6.10 16.66 24.33
N GLN A 43 7.05 17.58 24.20
CA GLN A 43 7.39 18.52 25.26
C GLN A 43 6.84 19.89 24.93
N LEU A 44 6.08 20.47 25.86
CA LEU A 44 5.44 21.76 25.68
C LEU A 44 6.09 22.78 26.62
N GLN A 45 6.65 23.84 26.06
CA GLN A 45 7.29 24.91 26.82
C GLN A 45 6.35 26.10 26.87
N GLU A 46 6.06 26.57 28.09
CA GLU A 46 5.14 27.67 28.31
C GLU A 46 5.91 28.81 28.98
N SER A 47 5.70 30.03 28.48
CA SER A 47 6.35 31.20 29.04
C SER A 47 5.42 32.40 28.98
N GLY A 48 5.71 33.40 29.81
CA GLY A 48 4.98 34.64 29.82
C GLY A 48 4.23 34.94 31.11
N GLY A 49 3.86 33.90 31.87
CA GLY A 49 3.15 34.13 33.11
C GLY A 49 4.04 34.71 34.19
N GLY A 50 3.43 35.44 35.10
CA GLY A 50 4.16 36.04 36.20
C GLY A 50 3.41 37.24 36.75
N LEU A 51 4.09 37.96 37.62
CA LEU A 51 3.51 39.15 38.25
C LEU A 51 3.31 40.26 37.23
N VAL A 52 2.19 40.96 37.35
CA VAL A 52 1.87 42.07 36.46
C VAL A 52 0.87 42.97 37.17
N GLN A 53 0.95 44.27 36.89
CA GLN A 53 0.02 45.23 37.46
C GLN A 53 -1.31 45.20 36.72
N ALA A 54 -2.34 45.71 37.37
CA ALA A 54 -3.67 45.73 36.78
C ALA A 54 -3.72 46.72 35.62
N GLY A 55 -4.64 46.46 34.68
CA GLY A 55 -4.80 47.32 33.53
C GLY A 55 -3.68 47.27 32.53
N GLU A 56 -2.95 46.16 32.46
CA GLU A 56 -1.81 45.99 31.56
C GLU A 56 -2.10 44.87 30.57
N SER A 57 -1.07 44.52 29.81
CA SER A 57 -1.16 43.49 28.79
C SER A 57 -0.07 42.44 29.02
N LEU A 58 -0.37 41.21 28.62
CA LEU A 58 0.55 40.10 28.80
C LEU A 58 0.58 39.26 27.53
N ARG A 59 1.67 38.50 27.39
CA ARG A 59 1.91 37.66 26.21
C ARG A 59 2.33 36.27 26.68
N LEU A 60 1.51 35.27 26.36
CA LEU A 60 1.79 33.88 26.71
C LEU A 60 2.23 33.14 25.46
N SER A 61 3.38 32.48 25.52
CA SER A 61 3.95 31.75 24.40
C SER A 61 4.02 30.27 24.73
N CYS A 62 3.53 29.44 23.82
CA CYS A 62 3.55 27.99 23.97
C CYS A 62 4.24 27.38 22.75
N ALA A 63 5.26 26.57 23.00
CA ALA A 63 6.02 25.92 21.94
C ALA A 63 6.00 24.41 22.14
N ALA A 64 6.03 23.67 21.04
CA ALA A 64 5.95 22.22 21.06
C ALA A 64 7.19 21.63 20.38
N SER A 65 7.74 20.59 21.01
CA SER A 65 8.91 19.92 20.46
C SER A 65 8.76 18.41 20.64
N GLY A 66 9.50 17.66 19.85
CA GLY A 66 9.50 16.22 19.91
C GLY A 66 9.45 15.62 18.53
N THR A 67 9.20 14.31 18.48
CA THR A 67 9.07 13.59 17.21
C THR A 67 7.64 13.74 16.73
N ILE A 68 7.38 14.82 16.00
CA ILE A 68 6.05 15.15 15.50
C ILE A 68 6.10 15.21 13.98
N PHE A 69 5.17 14.49 13.33
CA PHE A 69 5.06 14.59 11.89
C PHE A 69 4.35 15.87 11.46
N ARG A 70 3.32 16.28 12.20
CA ARG A 70 2.62 17.52 11.86
C ARG A 70 1.82 18.00 13.07
N LEU A 71 1.56 19.30 13.09
CA LEU A 71 0.72 19.95 14.09
C LEU A 71 -0.50 20.53 13.39
N TYR A 72 -1.69 20.29 13.95
CA TYR A 72 -2.92 20.72 13.31
C TYR A 72 -3.63 21.84 14.07
N ASP A 73 -3.90 21.66 15.36
CA ASP A 73 -4.67 22.61 16.13
C ASP A 73 -3.90 23.04 17.36
N MET A 74 -4.18 24.25 17.82
CA MET A 74 -3.62 24.78 19.06
C MET A 74 -4.66 25.67 19.72
N GLY A 75 -4.51 25.87 21.02
CA GLY A 75 -5.45 26.71 21.74
C GLY A 75 -5.08 26.80 23.20
N TRP A 76 -5.86 27.59 23.92
CA TRP A 76 -5.68 27.81 25.35
C TRP A 76 -7.00 27.58 26.07
N TYR A 77 -6.92 26.97 27.24
CA TYR A 77 -8.10 26.63 28.03
C TYR A 77 -7.88 27.03 29.48
N ARG A 78 -8.95 27.44 30.15
CA ARG A 78 -8.85 27.85 31.54
C ARG A 78 -8.96 26.63 32.46
N ARG A 85 -11.51 24.77 32.07
CA ARG A 85 -12.00 23.64 31.29
C ARG A 85 -12.64 24.10 29.99
N GLU A 86 -12.59 25.41 29.72
CA GLU A 86 -13.25 25.98 28.56
C GLU A 86 -12.23 26.74 27.71
N LEU A 87 -12.47 26.75 26.41
CA LEU A 87 -11.55 27.37 25.47
C LEU A 87 -11.65 28.89 25.56
N VAL A 88 -10.51 29.56 25.40
CA VAL A 88 -10.45 31.01 25.36
C VAL A 88 -10.06 31.52 23.98
N ALA A 89 -9.18 30.80 23.28
CA ALA A 89 -8.76 31.19 21.94
C ALA A 89 -8.13 30.00 21.24
N SER A 90 -8.60 29.70 20.04
CA SER A 90 -8.12 28.57 19.27
C SER A 90 -7.75 29.02 17.86
N ILE A 91 -6.67 28.47 17.33
CA ILE A 91 -6.23 28.75 15.96
C ILE A 91 -5.87 27.44 15.29
N THR A 92 -6.26 27.30 14.02
CA THR A 92 -5.98 26.11 13.25
C THR A 92 -4.73 26.34 12.40
N SER A 93 -4.44 25.38 11.51
CA SER A 93 -3.31 25.55 10.60
C SER A 93 -3.61 26.57 9.52
N GLY A 94 -4.88 26.77 9.19
CA GLY A 94 -5.29 27.68 8.14
C GLY A 94 -5.43 29.12 8.55
N GLY A 95 -5.10 29.46 9.79
CA GLY A 95 -5.18 30.83 10.25
C GLY A 95 -6.52 31.25 10.82
N SER A 96 -7.53 30.37 10.75
CA SER A 96 -8.83 30.70 11.32
C SER A 96 -8.74 30.76 12.84
N THR A 97 -9.40 31.75 13.42
CA THR A 97 -9.37 31.99 14.86
C THR A 97 -10.77 31.89 15.43
N LYS A 98 -10.90 31.21 16.56
CA LYS A 98 -12.16 31.05 17.27
C LYS A 98 -11.99 31.50 18.71
N TYR A 99 -13.00 32.20 19.24
CA TYR A 99 -12.97 32.73 20.59
C TYR A 99 -14.21 32.30 21.35
N GLY A 100 -14.07 32.17 22.67
CA GLY A 100 -15.18 31.78 23.49
C GLY A 100 -16.20 32.88 23.66
N ASP A 101 -17.37 32.50 24.19
CA ASP A 101 -18.46 33.46 24.40
C ASP A 101 -18.10 34.52 25.43
N SER A 102 -17.16 34.24 26.32
CA SER A 102 -16.76 35.20 27.34
C SER A 102 -15.68 36.16 26.85
N VAL A 103 -15.22 36.01 25.61
CA VAL A 103 -14.18 36.87 25.04
C VAL A 103 -14.81 37.73 23.96
N LYS A 104 -14.76 39.04 24.15
CA LYS A 104 -15.29 39.99 23.17
C LYS A 104 -14.20 40.46 22.21
N GLY A 105 -13.48 39.51 21.63
CA GLY A 105 -12.44 39.83 20.66
C GLY A 105 -11.26 40.61 21.23
N ARG A 106 -11.17 40.66 22.56
CA ARG A 106 -10.09 41.42 23.20
C ARG A 106 -8.75 40.74 23.01
N PHE A 107 -8.71 39.41 23.16
CA PHE A 107 -7.46 38.68 23.07
C PHE A 107 -7.09 38.42 21.62
N THR A 108 -5.77 38.40 21.36
CA THR A 108 -5.24 38.18 20.04
C THR A 108 -4.43 36.89 20.03
N ILE A 109 -4.70 36.01 19.07
CA ILE A 109 -4.03 34.73 18.95
C ILE A 109 -3.26 34.70 17.63
N SER A 110 -1.99 34.31 17.70
CA SER A 110 -1.14 34.25 16.53
C SER A 110 -0.35 32.96 16.55
N ARG A 111 0.06 32.52 15.36
CA ARG A 111 0.78 31.25 15.21
C ARG A 111 1.96 31.43 14.27
N ASP A 112 3.04 30.71 14.54
CA ASP A 112 4.22 30.68 13.68
C ASP A 112 4.56 29.23 13.41
N ASN A 113 4.30 28.78 12.18
CA ASN A 113 4.55 27.39 11.83
C ASN A 113 6.03 27.10 11.63
N ALA A 114 6.84 28.12 11.35
CA ALA A 114 8.27 27.91 11.19
C ALA A 114 8.89 27.41 12.49
N LYS A 115 8.50 28.00 13.61
CA LYS A 115 8.94 27.54 14.93
C LYS A 115 7.88 26.72 15.64
N ASN A 116 6.71 26.53 15.02
CA ASN A 116 5.61 25.77 15.61
C ASN A 116 5.23 26.31 16.99
N THR A 117 5.13 27.64 17.08
CA THR A 117 4.91 28.31 18.36
C THR A 117 3.65 29.17 18.28
N VAL A 118 2.82 29.10 19.31
CA VAL A 118 1.59 29.88 19.37
C VAL A 118 1.76 30.96 20.45
N TYR A 119 1.19 32.13 20.17
CA TYR A 119 1.24 33.26 21.08
C TYR A 119 -0.16 33.80 21.33
N LEU A 120 -0.42 34.20 22.57
CA LEU A 120 -1.69 34.79 22.96
C LEU A 120 -1.42 36.07 23.71
N GLN A 121 -1.92 37.19 23.18
CA GLN A 121 -1.76 38.50 23.79
C GLN A 121 -3.08 38.94 24.39
N MET A 122 -3.05 39.31 25.66
CA MET A 122 -4.23 39.79 26.37
C MET A 122 -4.00 41.24 26.80
N SER A 123 -4.95 42.10 26.46
CA SER A 123 -4.87 43.52 26.77
C SER A 123 -6.00 43.93 27.70
N SER A 124 -5.73 44.93 28.53
CA SER A 124 -6.69 45.42 29.52
C SER A 124 -7.13 44.29 30.46
N LEU A 125 -6.14 43.74 31.17
CA LEU A 125 -6.41 42.64 32.07
C LEU A 125 -7.22 43.10 33.28
N LYS A 126 -7.95 42.16 33.87
CA LYS A 126 -8.82 42.40 35.00
C LYS A 126 -8.51 41.40 36.10
N PRO A 127 -8.81 41.76 37.36
CA PRO A 127 -8.59 40.79 38.45
C PRO A 127 -9.38 39.51 38.29
N GLU A 128 -10.52 39.55 37.59
CA GLU A 128 -11.31 38.36 37.35
C GLU A 128 -10.62 37.38 36.41
N ASP A 129 -9.55 37.78 35.73
CA ASP A 129 -8.83 36.89 34.83
C ASP A 129 -7.84 36.01 35.55
N THR A 130 -7.66 36.16 36.86
CA THR A 130 -6.76 35.32 37.64
C THR A 130 -7.24 33.87 37.61
N ALA A 131 -6.49 33.01 36.93
CA ALA A 131 -6.90 31.62 36.75
C ALA A 131 -5.68 30.80 36.34
N VAL A 132 -5.93 29.59 35.86
CA VAL A 132 -4.89 28.70 35.36
C VAL A 132 -5.20 28.40 33.90
N TYR A 133 -4.23 28.64 33.03
CA TYR A 133 -4.37 28.43 31.60
C TYR A 133 -3.48 27.28 31.15
N TYR A 134 -4.07 26.34 30.41
CA TYR A 134 -3.36 25.15 29.93
C TYR A 134 -3.24 25.23 28.42
N CYS A 135 -2.02 25.12 27.92
CA CYS A 135 -1.81 25.06 26.47
C CYS A 135 -2.22 23.70 25.93
N ASN A 136 -2.80 23.69 24.74
CA ASN A 136 -3.25 22.47 24.09
C ASN A 136 -2.65 22.40 22.70
N ALA A 137 -2.54 21.18 22.17
CA ALA A 137 -1.98 20.98 20.84
C ALA A 137 -2.43 19.64 20.31
N GLU A 138 -2.84 19.61 19.05
CA GLU A 138 -3.19 18.38 18.35
C GLU A 138 -2.10 18.09 17.34
N TYR A 139 -1.57 16.86 17.37
CA TYR A 139 -0.44 16.51 16.53
C TYR A 139 -0.60 15.10 16.00
N ARG A 140 0.06 14.84 14.89
CA ARG A 140 0.20 13.51 14.31
C ARG A 140 1.68 13.17 14.29
N THR A 141 2.04 12.05 14.92
CA THR A 141 3.43 11.64 15.03
C THR A 141 3.92 10.83 13.85
N GLY A 142 3.01 10.33 13.01
CA GLY A 142 3.40 9.56 11.85
C GLY A 142 2.28 9.57 10.83
N ILE A 143 2.68 9.39 9.56
CA ILE A 143 1.73 9.53 8.46
C ILE A 143 0.63 8.49 8.55
N TRP A 144 0.90 7.34 9.17
CA TRP A 144 -0.09 6.29 9.34
C TRP A 144 -0.63 6.23 10.76
N GLU A 145 -0.48 7.30 11.55
CA GLU A 145 -0.80 7.26 12.97
C GLU A 145 -2.07 8.04 13.28
N GLU A 146 -2.76 7.60 14.34
CA GLU A 146 -3.97 8.26 14.81
C GLU A 146 -3.66 9.67 15.28
N LEU A 147 -4.61 10.59 15.05
CA LEU A 147 -4.49 11.94 15.56
C LEU A 147 -4.85 11.98 17.04
N LEU A 148 -3.96 12.55 17.85
CA LEU A 148 -4.17 12.62 19.29
C LEU A 148 -3.52 13.88 19.84
N ASP A 149 -4.09 14.38 20.94
CA ASP A 149 -3.71 15.67 21.51
C ASP A 149 -3.07 15.48 22.88
N GLY A 150 -2.14 16.38 23.21
CA GLY A 150 -1.47 16.35 24.49
C GLY A 150 -1.49 17.70 25.21
N TRP A 151 -2.10 17.75 26.38
CA TRP A 151 -2.19 18.99 27.13
C TRP A 151 -0.83 19.40 27.69
N GLY A 152 -0.76 20.64 28.15
CA GLY A 152 0.45 21.17 28.76
C GLY A 152 0.38 21.19 30.28
N GLN A 153 1.51 21.58 30.88
CA GLN A 153 1.59 21.63 32.33
C GLN A 153 0.64 22.68 32.90
N GLY A 154 0.59 23.85 32.28
CA GLY A 154 -0.28 24.92 32.73
C GLY A 154 0.49 26.05 33.40
N THR A 155 -0.13 27.23 33.41
CA THR A 155 0.47 28.42 34.01
C THR A 155 -0.60 29.16 34.80
N GLN A 156 -0.16 29.95 35.77
CA GLN A 156 -1.05 30.70 36.64
C GLN A 156 -0.95 32.18 36.30
N VAL A 157 -2.11 32.82 36.11
CA VAL A 157 -2.18 34.23 35.77
C VAL A 157 -2.94 34.96 36.88
N THR A 158 -2.32 35.98 37.44
CA THR A 158 -2.90 36.78 38.51
C THR A 158 -2.77 38.26 38.19
N VAL A 159 -3.86 39.00 38.39
CA VAL A 159 -3.91 40.43 38.11
C VAL A 159 -4.31 41.15 39.40
N SER A 160 -3.54 42.18 39.74
CA SER A 160 -3.80 43.01 40.92
C SER A 160 -3.85 42.17 42.20
N ALA B 192 19.57 -31.86 -7.55
CA ALA B 192 20.20 -31.95 -6.24
C ALA B 192 19.55 -30.98 -5.26
N PHE B 193 20.09 -29.76 -5.19
CA PHE B 193 19.55 -28.74 -4.29
C PHE B 193 18.26 -28.13 -4.81
N LEU B 194 18.12 -28.02 -6.13
CA LEU B 194 16.90 -27.43 -6.71
C LEU B 194 15.65 -28.20 -6.35
N PRO B 195 15.58 -29.54 -6.46
CA PRO B 195 14.37 -30.23 -5.99
C PRO B 195 14.10 -30.02 -4.52
N ALA B 196 15.14 -29.96 -3.70
CA ALA B 196 14.94 -29.76 -2.26
C ALA B 196 14.31 -28.40 -1.97
N LEU B 197 14.85 -27.35 -2.59
CA LEU B 197 14.29 -26.02 -2.34
C LEU B 197 12.92 -25.86 -2.97
N TYR B 198 12.66 -26.52 -4.10
CA TYR B 198 11.32 -26.52 -4.66
C TYR B 198 10.32 -27.18 -3.72
N SER B 199 10.70 -28.31 -3.12
CA SER B 199 9.81 -28.97 -2.17
C SER B 199 9.58 -28.09 -0.94
N LEU B 200 10.62 -27.44 -0.45
CA LEU B 200 10.48 -26.54 0.69
C LEU B 200 9.52 -25.39 0.36
N LEU B 201 9.70 -24.78 -0.82
CA LEU B 201 8.81 -23.70 -1.23
C LEU B 201 7.37 -24.18 -1.36
N PHE B 202 7.18 -25.37 -1.93
CA PHE B 202 5.83 -25.91 -2.07
C PHE B 202 5.17 -26.07 -0.71
N LEU B 203 5.88 -26.71 0.23
CA LEU B 203 5.31 -26.94 1.55
C LEU B 203 4.95 -25.62 2.23
N LEU B 204 5.90 -24.68 2.26
CA LEU B 204 5.67 -23.42 2.96
C LEU B 204 4.52 -22.63 2.33
N GLY B 205 4.54 -22.52 1.00
CA GLY B 205 3.50 -21.76 0.33
C GLY B 205 2.12 -22.38 0.50
N LEU B 206 2.03 -23.70 0.35
CA LEU B 206 0.74 -24.35 0.51
C LEU B 206 0.21 -24.15 1.92
N LEU B 207 1.07 -24.35 2.94
CA LEU B 207 0.62 -24.18 4.31
C LEU B 207 0.13 -22.77 4.57
N GLY B 208 0.94 -21.77 4.22
CA GLY B 208 0.56 -20.39 4.50
C GLY B 208 -0.69 -19.96 3.76
N ASN B 209 -0.77 -20.26 2.47
CA ASN B 209 -1.90 -19.81 1.67
C ASN B 209 -3.18 -20.55 2.06
N GLY B 210 -3.09 -21.84 2.34
CA GLY B 210 -4.25 -22.54 2.86
C GLY B 210 -4.72 -21.98 4.18
N ALA B 211 -3.78 -21.64 5.06
CA ALA B 211 -4.16 -21.07 6.35
C ALA B 211 -4.90 -19.75 6.17
N VAL B 212 -4.35 -18.85 5.35
CA VAL B 212 -4.97 -17.53 5.20
C VAL B 212 -6.32 -17.66 4.49
N ALA B 213 -6.42 -18.56 3.50
CA ALA B 213 -7.68 -18.76 2.81
C ALA B 213 -8.75 -19.29 3.76
N ALA B 214 -8.38 -20.26 4.61
CA ALA B 214 -9.34 -20.80 5.56
C ALA B 214 -9.76 -19.75 6.58
N VAL B 215 -8.80 -18.95 7.07
CA VAL B 215 -9.12 -17.91 8.04
C VAL B 215 -10.09 -16.91 7.45
N LEU B 216 -9.84 -16.46 6.22
CA LEU B 216 -10.74 -15.48 5.60
C LEU B 216 -12.09 -16.08 5.28
N LEU B 217 -12.12 -17.34 4.85
CA LEU B 217 -13.37 -17.97 4.43
C LEU B 217 -14.23 -18.41 5.61
N SER B 218 -13.64 -18.53 6.80
CA SER B 218 -14.45 -18.86 7.97
C SER B 218 -15.49 -17.79 8.28
N ARG B 219 -15.27 -16.55 7.84
CA ARG B 219 -16.20 -15.46 8.04
C ARG B 219 -16.70 -14.89 6.71
N ARG B 220 -16.84 -15.76 5.70
CA ARG B 220 -17.17 -15.34 4.35
C ARG B 220 -18.60 -14.84 4.20
N THR B 221 -19.43 -14.97 5.24
CA THR B 221 -20.81 -14.48 5.14
C THR B 221 -20.86 -12.98 4.90
N ALA B 222 -19.82 -12.25 5.31
CA ALA B 222 -19.75 -10.81 5.08
C ALA B 222 -18.30 -10.39 5.10
N LEU B 223 -17.80 -9.86 3.98
CA LEU B 223 -16.40 -9.50 3.85
C LEU B 223 -16.27 -8.10 3.27
N SER B 224 -15.20 -7.41 3.68
CA SER B 224 -14.89 -6.10 3.12
C SER B 224 -14.30 -6.25 1.72
N SER B 225 -14.23 -5.14 1.00
CA SER B 225 -13.68 -5.17 -0.35
C SER B 225 -12.21 -5.57 -0.34
N THR B 226 -11.43 -4.99 0.57
CA THR B 226 -10.02 -5.34 0.66
C THR B 226 -9.86 -6.80 1.06
N ASP B 227 -10.68 -7.28 1.99
CA ASP B 227 -10.58 -8.67 2.42
C ASP B 227 -10.82 -9.64 1.26
N THR B 228 -11.84 -9.39 0.45
CA THR B 228 -12.14 -10.30 -0.64
C THR B 228 -11.13 -10.18 -1.78
N PHE B 229 -10.58 -8.99 -2.01
CA PHE B 229 -9.49 -8.89 -2.98
C PHE B 229 -8.27 -9.69 -2.53
N LEU B 230 -7.93 -9.62 -1.25
CA LEU B 230 -6.82 -10.44 -0.76
C LEU B 230 -7.13 -11.92 -0.86
N LEU B 231 -8.37 -12.32 -0.55
CA LEU B 231 -8.75 -13.71 -0.71
C LEU B 231 -8.59 -14.18 -2.15
N HIS B 232 -8.99 -13.35 -3.11
CA HIS B 232 -8.88 -13.76 -4.51
C HIS B 232 -7.44 -13.78 -4.98
N LEU B 233 -6.60 -12.85 -4.54
CA LEU B 233 -5.21 -12.96 -4.96
C LEU B 233 -4.45 -14.02 -4.16
N ALA B 234 -5.06 -14.61 -3.14
CA ALA B 234 -4.49 -15.80 -2.52
C ALA B 234 -4.95 -17.09 -3.20
N VAL B 235 -6.20 -17.12 -3.68
CA VAL B 235 -6.65 -18.29 -4.42
C VAL B 235 -6.10 -18.28 -5.84
N ALA B 236 -5.63 -17.14 -6.32
CA ALA B 236 -4.86 -17.07 -7.57
C ALA B 236 -3.41 -17.48 -7.36
N ASP B 237 -3.00 -17.74 -6.13
CA ASP B 237 -1.63 -18.10 -5.80
C ASP B 237 -1.49 -19.52 -5.30
N THR B 238 -2.54 -20.08 -4.70
CA THR B 238 -2.50 -21.48 -4.29
C THR B 238 -2.25 -22.41 -5.49
N LEU B 239 -2.76 -22.05 -6.67
CA LEU B 239 -2.54 -22.89 -7.85
C LEU B 239 -1.08 -22.87 -8.28
N LEU B 240 -0.48 -21.67 -8.33
CA LEU B 240 0.94 -21.60 -8.65
C LEU B 240 1.78 -22.30 -7.60
N VAL B 241 1.31 -22.35 -6.35
CA VAL B 241 2.01 -23.14 -5.34
C VAL B 241 1.86 -24.63 -5.63
N LEU B 242 0.66 -25.05 -6.02
CA LEU B 242 0.40 -26.46 -6.32
C LEU B 242 1.26 -26.94 -7.48
N THR B 243 1.62 -26.06 -8.40
CA THR B 243 2.34 -26.52 -9.58
C THR B 243 3.86 -26.66 -9.36
N LEU B 244 4.36 -26.51 -8.13
CA LEU B 244 5.80 -26.70 -7.90
C LEU B 244 6.29 -28.13 -8.12
N PRO B 245 5.65 -29.18 -7.60
CA PRO B 245 6.26 -30.53 -7.73
C PRO B 245 6.53 -30.94 -9.16
N LEU B 246 5.72 -30.47 -10.11
CA LEU B 246 6.00 -30.74 -11.52
C LEU B 246 7.38 -30.21 -11.91
N TRP B 247 7.67 -28.96 -11.56
CA TRP B 247 8.97 -28.40 -11.87
C TRP B 247 10.08 -29.06 -11.05
N ALA B 248 9.75 -29.52 -9.84
CA ALA B 248 10.75 -30.23 -9.03
C ALA B 248 11.19 -31.51 -9.73
N VAL B 249 10.24 -32.33 -10.16
CA VAL B 249 10.59 -33.57 -10.86
C VAL B 249 11.21 -33.26 -12.22
N ASP B 250 10.83 -32.14 -12.85
CA ASP B 250 11.47 -31.74 -14.09
C ASP B 250 12.95 -31.45 -13.88
N ALA B 251 13.28 -30.71 -12.82
CA ALA B 251 14.68 -30.44 -12.51
C ALA B 251 15.39 -31.67 -11.98
N ALA B 252 14.66 -32.67 -11.50
CA ALA B 252 15.28 -33.88 -11.00
C ALA B 252 15.81 -34.73 -12.15
N VAL B 253 14.92 -35.21 -13.02
CA VAL B 253 15.33 -36.09 -14.11
C VAL B 253 14.92 -35.53 -15.47
N GLN B 254 13.62 -35.42 -15.72
CA GLN B 254 13.11 -35.05 -17.03
C GLN B 254 11.61 -34.89 -16.94
N TRP B 255 11.06 -34.06 -17.83
CA TRP B 255 9.61 -33.91 -17.90
C TRP B 255 8.99 -35.15 -18.52
N VAL B 256 7.99 -35.72 -17.85
CA VAL B 256 7.40 -36.98 -18.30
C VAL B 256 5.88 -36.87 -18.29
N PHE B 257 5.35 -35.76 -17.76
CA PHE B 257 3.91 -35.67 -17.53
C PHE B 257 3.13 -35.61 -18.84
N GLY B 258 3.57 -34.78 -19.79
CA GLY B 258 2.92 -34.73 -21.09
C GLY B 258 2.66 -33.30 -21.52
N SER B 259 1.92 -33.18 -22.63
CA SER B 259 1.65 -31.86 -23.19
C SER B 259 0.61 -31.09 -22.38
N GLY B 260 -0.46 -31.76 -21.95
CA GLY B 260 -1.51 -31.06 -21.24
C GLY B 260 -1.06 -30.44 -19.93
N LEU B 261 -0.30 -31.20 -19.14
CA LEU B 261 0.23 -30.66 -17.89
C LEU B 261 1.17 -29.50 -18.16
N CYS B 262 1.95 -29.57 -19.25
CA CYS B 262 2.82 -28.47 -19.61
C CYS B 262 2.03 -27.21 -19.94
N LYS B 263 0.94 -27.38 -20.72
CA LYS B 263 0.08 -26.24 -21.03
C LYS B 263 -0.49 -25.64 -19.75
N VAL B 264 -0.96 -26.50 -18.84
CA VAL B 264 -1.58 -26.02 -17.61
C VAL B 264 -0.56 -25.26 -16.76
N ALA B 265 0.66 -25.80 -16.65
CA ALA B 265 1.69 -25.14 -15.84
C ALA B 265 2.06 -23.79 -16.42
N GLY B 266 2.28 -23.73 -17.74
CA GLY B 266 2.61 -22.46 -18.36
C GLY B 266 1.51 -21.44 -18.20
N ALA B 267 0.26 -21.87 -18.40
CA ALA B 267 -0.87 -20.95 -18.26
C ALA B 267 -1.00 -20.47 -16.82
N LEU B 268 -0.77 -21.34 -15.85
CA LEU B 268 -0.85 -20.93 -14.44
C LEU B 268 0.23 -19.90 -14.12
N PHE B 269 1.45 -20.12 -14.59
CA PHE B 269 2.51 -19.16 -14.33
C PHE B 269 2.21 -17.81 -14.99
N ASN B 270 1.65 -17.83 -16.20
CA ASN B 270 1.34 -16.58 -16.88
C ASN B 270 0.05 -15.92 -16.38
N ILE B 271 -0.80 -16.65 -15.68
CA ILE B 271 -2.03 -16.07 -15.17
C ILE B 271 -1.87 -15.56 -13.74
N ASN B 272 -0.91 -16.08 -12.99
CA ASN B 272 -0.66 -15.56 -11.65
C ASN B 272 -0.33 -14.07 -11.70
N PHE B 273 0.55 -13.68 -12.62
CA PHE B 273 0.93 -12.27 -12.70
C PHE B 273 -0.24 -11.40 -13.13
N TYR B 274 -1.03 -11.84 -14.11
CA TYR B 274 -2.15 -11.04 -14.56
C TYR B 274 -3.17 -10.85 -13.43
N ALA B 275 -3.49 -11.93 -12.72
CA ALA B 275 -4.43 -11.83 -11.61
C ALA B 275 -3.89 -10.89 -10.54
N GLY B 276 -2.61 -11.02 -10.19
CA GLY B 276 -2.04 -10.15 -9.19
C GLY B 276 -2.10 -8.70 -9.59
N ALA B 277 -1.68 -8.39 -10.82
CA ALA B 277 -1.62 -7.00 -11.25
C ALA B 277 -3.02 -6.38 -11.32
N LEU B 278 -3.98 -7.11 -11.90
CA LEU B 278 -5.32 -6.55 -12.02
C LEU B 278 -5.98 -6.38 -10.65
N LEU B 279 -5.82 -7.37 -9.75
CA LEU B 279 -6.42 -7.25 -8.44
C LEU B 279 -5.81 -6.11 -7.64
N LEU B 280 -4.49 -5.94 -7.72
CA LEU B 280 -3.86 -4.83 -6.98
C LEU B 280 -4.27 -3.49 -7.57
N ALA B 281 -4.40 -3.39 -8.90
CA ALA B 281 -4.88 -2.16 -9.49
C ALA B 281 -6.30 -1.84 -9.03
N CYS B 282 -7.17 -2.86 -8.98
CA CYS B 282 -8.54 -2.64 -8.52
C CYS B 282 -8.55 -2.19 -7.06
N ILE B 283 -7.74 -2.82 -6.21
CA ILE B 283 -7.75 -2.47 -4.79
C ILE B 283 -7.19 -1.06 -4.59
N SER B 284 -6.19 -0.66 -5.38
CA SER B 284 -5.66 0.68 -5.25
C SER B 284 -6.65 1.72 -5.75
N PHE B 285 -7.40 1.41 -6.79
CA PHE B 285 -8.47 2.32 -7.22
C PHE B 285 -9.55 2.42 -6.16
N ASP B 286 -9.87 1.31 -5.49
CA ASP B 286 -10.83 1.37 -4.39
C ASP B 286 -10.33 2.25 -3.26
N ARG B 287 -9.04 2.14 -2.93
CA ARG B 287 -8.46 3.01 -1.90
C ARG B 287 -8.53 4.48 -2.33
N TYR B 288 -8.26 4.75 -3.60
CA TYR B 288 -8.38 6.12 -4.10
C TYR B 288 -9.80 6.63 -3.96
N LEU B 289 -10.78 5.80 -4.27
CA LEU B 289 -12.18 6.22 -4.14
C LEU B 289 -12.54 6.49 -2.69
N ASN B 290 -12.04 5.66 -1.77
CA ASN B 290 -12.37 5.85 -0.37
C ASN B 290 -11.70 7.10 0.22
N ILE B 291 -10.44 7.34 -0.14
CA ILE B 291 -9.69 8.42 0.49
C ILE B 291 -10.07 9.77 -0.09
N VAL B 292 -9.84 9.96 -1.39
CA VAL B 292 -9.94 11.29 -1.98
C VAL B 292 -11.39 11.70 -2.14
N HIS B 293 -12.15 10.97 -2.96
CA HIS B 293 -13.53 11.36 -3.25
C HIS B 293 -14.48 11.03 -2.11
N ALA B 294 -14.19 9.97 -1.36
CA ALA B 294 -15.06 9.52 -0.26
C ALA B 294 -16.47 9.24 -0.76
N THR B 295 -16.58 8.59 -1.92
CA THR B 295 -17.88 8.25 -2.49
C THR B 295 -17.96 6.76 -2.81
N GLN B 296 -17.54 5.91 -1.86
CA GLN B 296 -17.53 4.48 -2.09
C GLN B 296 -18.93 3.95 -2.34
N LEU B 297 -19.01 2.89 -3.15
CA LEU B 297 -20.28 2.25 -3.44
C LEU B 297 -20.23 0.73 -3.46
N TYR B 298 -19.09 0.12 -3.14
CA TYR B 298 -19.02 -1.34 -3.13
C TYR B 298 -19.93 -1.94 -2.07
N ARG B 299 -19.97 -1.35 -0.88
CA ARG B 299 -20.75 -1.90 0.21
C ARG B 299 -22.13 -1.25 0.37
N ARG B 300 -22.26 0.05 0.07
CA ARG B 300 -23.53 0.74 0.19
C ARG B 300 -24.31 0.77 -1.12
N GLY B 301 -23.76 0.20 -2.20
CA GLY B 301 -24.45 0.16 -3.46
C GLY B 301 -24.96 -1.23 -3.78
N PRO B 302 -24.62 -1.75 -4.96
CA PRO B 302 -25.02 -3.11 -5.33
C PRO B 302 -24.40 -4.12 -4.37
N PRO B 303 -25.13 -5.19 -4.04
CA PRO B 303 -24.62 -6.14 -3.03
C PRO B 303 -23.32 -6.81 -3.40
N ALA B 304 -23.09 -7.10 -4.68
CA ALA B 304 -21.95 -7.92 -5.10
C ALA B 304 -21.25 -7.31 -6.31
N ARG B 305 -20.98 -6.00 -6.26
CA ARG B 305 -20.19 -5.37 -7.31
C ARG B 305 -18.77 -5.93 -7.32
N VAL B 306 -18.20 -6.16 -6.14
CA VAL B 306 -16.84 -6.68 -6.04
C VAL B 306 -16.74 -8.05 -6.67
N THR B 307 -17.75 -8.90 -6.43
CA THR B 307 -17.71 -10.26 -6.99
C THR B 307 -17.70 -10.22 -8.51
N LEU B 308 -18.54 -9.37 -9.12
CA LEU B 308 -18.54 -9.31 -10.58
C LEU B 308 -17.26 -8.69 -11.11
N THR B 309 -16.66 -7.74 -10.39
CA THR B 309 -15.37 -7.22 -10.83
C THR B 309 -14.30 -8.31 -10.81
N CYS B 310 -14.28 -9.14 -9.76
CA CYS B 310 -13.31 -10.23 -9.69
C CYS B 310 -13.55 -11.25 -10.78
N LEU B 311 -14.82 -11.58 -11.05
CA LEU B 311 -15.11 -12.48 -12.15
C LEU B 311 -14.63 -11.91 -13.48
N ALA B 312 -14.79 -10.60 -13.67
CA ALA B 312 -14.32 -9.97 -14.90
C ALA B 312 -12.81 -10.04 -15.02
N VAL B 313 -12.09 -9.80 -13.92
CA VAL B 313 -10.63 -9.87 -14.03
C VAL B 313 -10.18 -11.30 -14.26
N TRP B 314 -10.89 -12.29 -13.70
CA TRP B 314 -10.57 -13.68 -14.02
C TRP B 314 -10.78 -13.98 -15.50
N GLY B 315 -11.88 -13.45 -16.07
CA GLY B 315 -12.12 -13.63 -17.49
C GLY B 315 -11.03 -13.01 -18.34
N LEU B 316 -10.62 -11.78 -18.00
CA LEU B 316 -9.52 -11.15 -18.72
C LEU B 316 -8.23 -11.93 -18.59
N CYS B 317 -7.96 -12.48 -17.40
CA CYS B 317 -6.75 -13.28 -17.20
C CYS B 317 -6.76 -14.51 -18.10
N LEU B 318 -7.90 -15.20 -18.17
CA LEU B 318 -7.98 -16.38 -19.02
C LEU B 318 -7.84 -16.01 -20.50
N LEU B 319 -8.47 -14.91 -20.91
CA LEU B 319 -8.38 -14.49 -22.31
C LEU B 319 -6.95 -14.12 -22.68
N PHE B 320 -6.22 -13.48 -21.76
CA PHE B 320 -4.84 -13.14 -22.01
C PHE B 320 -3.90 -14.35 -21.90
N ALA B 321 -4.33 -15.40 -21.19
CA ALA B 321 -3.52 -16.62 -21.08
C ALA B 321 -3.78 -17.59 -22.23
N LEU B 322 -4.84 -17.39 -23.01
CA LEU B 322 -5.07 -18.25 -24.18
C LEU B 322 -3.88 -18.40 -25.11
N PRO B 323 -3.12 -17.35 -25.46
CA PRO B 323 -1.94 -17.57 -26.32
C PRO B 323 -0.93 -18.54 -25.74
N ASP B 324 -0.79 -18.57 -24.41
CA ASP B 324 0.07 -19.58 -23.79
C ASP B 324 -0.58 -20.95 -23.79
N PHE B 325 -1.91 -21.02 -23.73
CA PHE B 325 -2.61 -22.29 -23.85
C PHE B 325 -2.40 -22.91 -25.21
N ILE B 326 -2.39 -22.10 -26.27
CA ILE B 326 -2.45 -22.62 -27.63
C ILE B 326 -1.06 -22.90 -28.23
N PHE B 327 0.01 -22.37 -27.64
CA PHE B 327 1.35 -22.48 -28.22
C PHE B 327 2.34 -23.05 -27.20
N LEU B 328 1.96 -24.13 -26.54
CA LEU B 328 2.87 -24.84 -25.66
C LEU B 328 2.72 -26.34 -25.85
N SER B 329 3.85 -27.04 -25.92
CA SER B 329 3.83 -28.48 -26.13
C SER B 329 5.13 -29.06 -25.60
N ALA B 330 5.08 -30.33 -25.23
CA ALA B 330 6.26 -31.03 -24.72
C ALA B 330 7.07 -31.63 -25.87
N HIS B 331 7.70 -30.78 -26.67
CA HIS B 331 8.46 -31.22 -27.83
C HIS B 331 9.70 -31.98 -27.35
N HIS B 332 9.97 -33.13 -27.99
CA HIS B 332 11.09 -33.98 -27.64
C HIS B 332 12.42 -33.27 -27.90
N ASP B 333 12.46 -32.46 -28.96
CA ASP B 333 13.60 -31.63 -29.33
C ASP B 333 14.80 -32.46 -29.82
N GLU B 334 14.70 -33.78 -29.71
CA GLU B 334 15.73 -34.72 -30.15
C GLU B 334 17.09 -34.22 -29.63
N ARG B 335 17.22 -34.15 -28.31
CA ARG B 335 18.43 -33.69 -27.66
C ARG B 335 18.94 -34.69 -26.64
N LEU B 336 18.99 -35.97 -27.04
CA LEU B 336 19.43 -37.07 -26.18
C LEU B 336 18.59 -37.13 -24.91
N ASN B 337 17.30 -37.42 -25.06
CA ASN B 337 16.37 -37.52 -23.94
C ASN B 337 16.32 -36.23 -23.14
N ALA B 338 15.86 -35.14 -23.78
CA ALA B 338 15.81 -33.82 -23.17
C ALA B 338 14.44 -33.19 -23.42
N THR B 339 13.39 -33.94 -23.13
CA THR B 339 12.03 -33.46 -23.35
C THR B 339 11.71 -32.35 -22.35
N HIS B 340 11.93 -31.10 -22.74
CA HIS B 340 11.80 -29.95 -21.85
C HIS B 340 10.71 -29.05 -22.37
N CYS B 341 9.85 -28.57 -21.47
CA CYS B 341 8.81 -27.62 -21.84
C CYS B 341 9.39 -26.34 -22.41
N GLN B 342 8.83 -25.86 -23.51
CA GLN B 342 9.28 -24.62 -24.12
C GLN B 342 8.22 -24.12 -25.09
N TYR B 343 8.26 -22.83 -25.42
CA TYR B 343 7.29 -22.27 -26.36
C TYR B 343 7.58 -22.76 -27.77
N ASN B 344 6.59 -22.66 -28.65
CA ASN B 344 6.77 -23.04 -30.05
C ASN B 344 5.99 -22.09 -30.94
N PHE B 345 6.64 -21.02 -31.39
CA PHE B 345 5.98 -19.97 -32.16
C PHE B 345 6.42 -20.04 -33.62
N PRO B 346 5.67 -19.42 -34.54
CA PRO B 346 6.13 -19.35 -35.93
C PRO B 346 7.25 -18.32 -36.11
N GLN B 347 7.68 -17.72 -35.01
CA GLN B 347 8.77 -16.73 -34.92
C GLN B 347 8.41 -15.40 -35.57
N VAL B 348 7.23 -15.28 -36.17
CA VAL B 348 6.82 -14.00 -36.75
C VAL B 348 6.06 -13.16 -35.75
N GLY B 349 5.24 -13.78 -34.90
CA GLY B 349 4.47 -13.07 -33.91
C GLY B 349 4.97 -13.16 -32.49
N ARG B 350 6.16 -13.74 -32.27
CA ARG B 350 6.69 -13.83 -30.91
C ARG B 350 6.94 -12.44 -30.33
N THR B 351 7.56 -11.56 -31.12
CA THR B 351 7.81 -10.21 -30.63
C THR B 351 6.52 -9.47 -30.35
N ALA B 352 5.52 -9.61 -31.23
CA ALA B 352 4.24 -8.94 -31.01
C ALA B 352 3.56 -9.44 -29.76
N LEU B 353 3.55 -10.77 -29.55
CA LEU B 353 2.94 -11.32 -28.35
C LEU B 353 3.66 -10.84 -27.09
N ARG B 354 5.00 -10.86 -27.10
CA ARG B 354 5.75 -10.43 -25.94
C ARG B 354 5.50 -8.96 -25.64
N VAL B 355 5.49 -8.11 -26.68
CA VAL B 355 5.32 -6.68 -26.45
C VAL B 355 3.89 -6.38 -25.97
N LEU B 356 2.90 -7.11 -26.49
CA LEU B 356 1.54 -6.89 -26.01
C LEU B 356 1.40 -7.33 -24.56
N GLN B 357 1.98 -8.48 -24.22
CA GLN B 357 1.97 -8.94 -22.83
C GLN B 357 2.58 -7.89 -21.91
N LEU B 358 3.78 -7.40 -22.27
CA LEU B 358 4.44 -6.41 -21.42
C LEU B 358 3.61 -5.15 -21.31
N VAL B 359 3.18 -4.58 -22.45
CA VAL B 359 2.39 -3.35 -22.44
C VAL B 359 1.20 -3.49 -21.51
N ALA B 360 0.34 -4.48 -21.78
CA ALA B 360 -0.84 -4.65 -20.95
C ALA B 360 -0.46 -4.82 -19.49
N GLY B 361 0.21 -5.93 -19.16
CA GLY B 361 0.38 -6.36 -17.79
C GLY B 361 1.35 -5.53 -16.96
N PHE B 362 2.13 -4.65 -17.57
CA PHE B 362 3.06 -3.82 -16.81
C PHE B 362 2.99 -2.36 -17.23
N LEU B 363 1.93 -1.94 -17.90
CA LEU B 363 1.70 -0.53 -18.13
C LEU B 363 0.28 -0.08 -17.86
N LEU B 364 -0.71 -0.97 -17.86
CA LEU B 364 -2.00 -0.50 -17.38
C LEU B 364 -2.00 -0.48 -15.85
N PRO B 365 -1.69 -1.60 -15.18
CA PRO B 365 -1.66 -1.55 -13.71
C PRO B 365 -0.63 -0.57 -13.16
N LEU B 366 0.53 -0.43 -13.81
CA LEU B 366 1.55 0.49 -13.31
C LEU B 366 1.04 1.92 -13.32
N LEU B 367 0.49 2.37 -14.45
CA LEU B 367 0.00 3.74 -14.52
C LEU B 367 -1.19 3.96 -13.58
N VAL B 368 -2.11 3.00 -13.53
CA VAL B 368 -3.27 3.18 -12.66
C VAL B 368 -2.84 3.30 -11.21
N MET B 369 -1.95 2.40 -10.75
CA MET B 369 -1.50 2.43 -9.37
C MET B 369 -0.69 3.68 -9.07
N ALA B 370 0.18 4.09 -10.00
CA ALA B 370 0.98 5.29 -9.76
C ALA B 370 0.09 6.51 -9.60
N TYR B 371 -0.89 6.67 -10.49
CA TYR B 371 -1.78 7.83 -10.40
C TYR B 371 -2.60 7.79 -9.11
N CYS B 372 -3.19 6.62 -8.80
CA CYS B 372 -4.02 6.51 -7.61
C CYS B 372 -3.23 6.79 -6.34
N TYR B 373 -2.01 6.26 -6.24
CA TYR B 373 -1.24 6.47 -5.02
C TYR B 373 -0.65 7.86 -4.95
N ALA B 374 -0.33 8.49 -6.09
CA ALA B 374 0.06 9.89 -6.03
C ALA B 374 -1.06 10.75 -5.46
N HIS B 375 -2.29 10.55 -5.95
CA HIS B 375 -3.40 11.33 -5.43
C HIS B 375 -3.69 11.00 -3.98
N ILE B 376 -3.61 9.72 -3.60
CA ILE B 376 -3.87 9.34 -2.21
C ILE B 376 -2.85 10.00 -1.28
N LEU B 377 -1.57 9.94 -1.63
CA LEU B 377 -0.56 10.54 -0.77
C LEU B 377 -0.71 12.06 -0.71
N ALA B 378 -1.02 12.70 -1.84
CA ALA B 378 -1.21 14.15 -1.82
C ALA B 378 -2.38 14.54 -0.94
N ARG B 379 -3.48 13.78 -0.99
CA ARG B 379 -4.64 14.11 -0.17
C ARG B 379 -4.42 13.74 1.29
N LEU B 380 -3.55 12.78 1.56
CA LEU B 380 -3.36 12.27 2.91
C LEU B 380 -2.28 13.02 3.68
N LYS B 381 -1.34 13.67 2.99
CA LYS B 381 -0.33 14.46 3.66
C LYS B 381 -0.84 15.83 4.11
N SER B 382 -1.99 16.27 3.60
CA SER B 382 -2.48 17.62 3.82
C SER B 382 -3.95 17.61 4.21
N VAL B 383 -4.32 16.76 5.16
CA VAL B 383 -5.69 16.71 5.67
C VAL B 383 -5.64 16.44 7.16
N ARG B 384 -6.70 16.86 7.86
CA ARG B 384 -6.78 16.69 9.31
C ARG B 384 -7.43 15.36 9.68
N LEU B 385 -8.67 15.15 9.23
CA LEU B 385 -9.41 13.93 9.52
C LEU B 385 -10.11 13.45 8.27
N LEU B 386 -9.96 12.18 7.95
CA LEU B 386 -10.70 11.57 6.85
C LEU B 386 -12.10 11.26 7.34
N SER B 387 -13.10 11.77 6.63
CA SER B 387 -14.49 11.85 7.13
C SER B 387 -14.43 12.69 8.42
N GLY B 388 -15.37 12.51 9.34
CA GLY B 388 -15.20 13.14 10.64
C GLY B 388 -15.26 12.13 11.77
N SER B 389 -14.10 11.84 12.37
CA SER B 389 -13.99 10.89 13.46
C SER B 389 -12.55 10.79 13.95
N ARG B 390 -12.33 9.97 14.97
CA ARG B 390 -11.00 9.46 15.26
C ARG B 390 -10.96 7.94 15.28
N GLU B 391 -12.11 7.27 15.11
CA GLU B 391 -12.17 5.82 15.03
C GLU B 391 -12.41 5.31 13.62
N LYS B 392 -13.01 6.12 12.75
CA LYS B 392 -13.13 5.80 11.34
C LYS B 392 -12.01 6.40 10.51
N ASP B 393 -11.04 7.05 11.14
CA ASP B 393 -9.87 7.58 10.45
C ASP B 393 -8.60 6.78 10.70
N ARG B 394 -8.45 6.20 11.90
CA ARG B 394 -7.26 5.42 12.20
C ARG B 394 -7.24 4.11 11.40
N ASN B 395 -8.37 3.39 11.39
CA ASN B 395 -8.42 2.12 10.68
C ASN B 395 -8.25 2.32 9.18
N LEU B 396 -8.71 3.44 8.64
CA LEU B 396 -8.50 3.73 7.23
C LEU B 396 -7.00 3.82 6.91
N ARG B 397 -6.24 4.51 7.76
CA ARG B 397 -4.81 4.62 7.56
C ARG B 397 -4.13 3.25 7.74
N ARG B 398 -4.62 2.45 8.68
CA ARG B 398 -4.05 1.11 8.86
C ARG B 398 -4.27 0.25 7.61
N ILE B 399 -5.48 0.30 7.05
CA ILE B 399 -5.77 -0.47 5.84
C ILE B 399 -4.89 0.00 4.69
N THR B 400 -4.74 1.31 4.54
CA THR B 400 -3.87 1.82 3.48
C THR B 400 -2.42 1.38 3.67
N ARG B 401 -1.96 1.34 4.93
CA ARG B 401 -0.62 0.85 5.21
C ARG B 401 -0.47 -0.59 4.76
N LEU B 402 -1.43 -1.44 5.10
CA LEU B 402 -1.35 -2.85 4.71
C LEU B 402 -1.33 -2.99 3.19
N VAL B 403 -2.20 -2.27 2.51
CA VAL B 403 -2.28 -2.41 1.05
C VAL B 403 -1.01 -1.89 0.40
N VAL B 404 -0.43 -0.81 0.91
CA VAL B 404 0.77 -0.27 0.28
C VAL B 404 1.96 -1.19 0.49
N VAL B 405 2.08 -1.82 1.66
CA VAL B 405 3.19 -2.77 1.82
C VAL B 405 2.98 -3.98 0.92
N VAL B 406 1.73 -4.42 0.73
CA VAL B 406 1.48 -5.55 -0.16
C VAL B 406 1.89 -5.21 -1.59
N VAL B 407 1.50 -4.03 -2.07
CA VAL B 407 1.82 -3.69 -3.46
C VAL B 407 3.31 -3.43 -3.63
N VAL B 408 3.99 -2.90 -2.61
CA VAL B 408 5.44 -2.72 -2.72
C VAL B 408 6.14 -4.07 -2.79
N ALA B 409 5.71 -5.03 -1.98
CA ALA B 409 6.30 -6.37 -2.07
C ALA B 409 6.05 -6.99 -3.44
N PHE B 410 4.83 -6.85 -3.96
CA PHE B 410 4.53 -7.41 -5.28
C PHE B 410 5.39 -6.78 -6.36
N ALA B 411 5.53 -5.45 -6.34
CA ALA B 411 6.35 -4.80 -7.33
C ALA B 411 7.81 -5.22 -7.22
N LEU B 412 8.34 -5.27 -6.00
CA LEU B 412 9.73 -5.63 -5.81
C LEU B 412 10.01 -7.07 -6.21
N CYS B 413 9.00 -7.94 -6.16
CA CYS B 413 9.23 -9.32 -6.56
C CYS B 413 9.05 -9.52 -8.06
N TRP B 414 8.07 -8.85 -8.68
CA TRP B 414 7.72 -9.12 -10.07
C TRP B 414 8.25 -8.07 -11.05
N THR B 415 9.07 -7.12 -10.59
CA THR B 415 9.63 -6.16 -11.53
C THR B 415 10.84 -6.69 -12.31
N PRO B 416 11.79 -7.39 -11.68
CA PRO B 416 12.97 -7.83 -12.45
C PRO B 416 12.64 -8.71 -13.63
N TYR B 417 11.63 -9.58 -13.52
CA TYR B 417 11.25 -10.43 -14.64
C TYR B 417 10.79 -9.61 -15.82
N HIS B 418 9.96 -8.59 -15.57
CA HIS B 418 9.45 -7.79 -16.68
C HIS B 418 10.51 -6.85 -17.23
N LEU B 419 11.45 -6.40 -16.40
CA LEU B 419 12.60 -5.68 -16.95
C LEU B 419 13.44 -6.57 -17.84
N VAL B 420 13.61 -7.84 -17.46
CA VAL B 420 14.36 -8.78 -18.30
C VAL B 420 13.65 -8.99 -19.62
N VAL B 421 12.33 -9.19 -19.57
CA VAL B 421 11.62 -9.42 -20.83
C VAL B 421 11.60 -8.15 -21.67
N LEU B 422 11.62 -6.98 -21.05
CA LEU B 422 11.75 -5.74 -21.81
C LEU B 422 13.10 -5.66 -22.50
N VAL B 423 14.17 -6.04 -21.80
CA VAL B 423 15.48 -6.09 -22.43
C VAL B 423 15.47 -7.05 -23.61
N ASP B 424 14.80 -8.19 -23.44
CA ASP B 424 14.71 -9.17 -24.53
C ASP B 424 13.98 -8.60 -25.74
N ILE B 425 12.83 -7.95 -25.51
CA ILE B 425 12.04 -7.45 -26.63
C ILE B 425 12.76 -6.28 -27.31
N LEU B 426 13.50 -5.48 -26.56
CA LEU B 426 14.32 -4.44 -27.18
C LEU B 426 15.48 -5.04 -27.97
N MET B 427 16.05 -6.15 -27.49
CA MET B 427 17.10 -6.83 -28.23
C MET B 427 16.58 -7.39 -29.55
N ASP B 428 15.38 -7.98 -29.54
CA ASP B 428 14.82 -8.57 -30.74
C ASP B 428 14.41 -7.54 -31.78
N LEU B 429 14.26 -6.27 -31.40
CA LEU B 429 13.89 -5.22 -32.33
C LEU B 429 15.11 -4.53 -32.93
N GLY B 430 16.30 -5.03 -32.66
CA GLY B 430 17.51 -4.41 -33.20
C GLY B 430 17.76 -3.02 -32.67
N ALA B 431 17.56 -2.80 -31.37
CA ALA B 431 17.78 -1.49 -30.77
C ALA B 431 19.25 -1.24 -30.45
N LEU B 432 19.82 -2.07 -29.58
CA LEU B 432 21.21 -1.89 -29.14
C LEU B 432 21.64 -3.16 -28.42
N ALA B 433 22.96 -3.30 -28.27
CA ALA B 433 23.59 -4.35 -27.45
C ALA B 433 23.36 -5.75 -27.99
N ARG B 434 23.12 -5.90 -29.29
CA ARG B 434 23.04 -7.23 -29.90
C ARG B 434 24.44 -7.67 -30.29
N ASN B 435 24.98 -8.65 -29.57
CA ASN B 435 26.33 -9.14 -29.83
C ASN B 435 26.45 -10.65 -29.76
N CYS B 436 25.36 -11.38 -29.50
CA CYS B 436 25.37 -12.84 -29.41
C CYS B 436 26.31 -13.35 -28.33
N GLY B 437 26.49 -12.56 -27.27
CA GLY B 437 27.33 -12.97 -26.16
C GLY B 437 26.63 -12.86 -24.82
N ARG B 438 25.49 -12.19 -24.80
CA ARG B 438 24.70 -12.00 -23.59
C ARG B 438 23.53 -12.97 -23.50
N GLU B 439 23.46 -13.96 -24.41
CA GLU B 439 22.36 -14.92 -24.38
C GLU B 439 22.37 -15.74 -23.10
N SER B 440 23.55 -16.17 -22.66
CA SER B 440 23.66 -16.87 -21.39
C SER B 440 23.19 -15.98 -20.24
N ARG B 441 23.55 -14.70 -20.29
CA ARG B 441 23.15 -13.78 -19.22
C ARG B 441 21.63 -13.61 -19.19
N VAL B 442 21.00 -13.45 -20.35
CA VAL B 442 19.55 -13.26 -20.36
C VAL B 442 18.85 -14.54 -19.95
N ASP B 443 19.39 -15.71 -20.31
CA ASP B 443 18.78 -16.97 -19.90
C ASP B 443 18.85 -17.15 -18.39
N VAL B 444 20.02 -16.91 -17.81
CA VAL B 444 20.14 -17.06 -16.35
C VAL B 444 19.30 -15.99 -15.64
N ALA B 445 19.18 -14.79 -16.23
CA ALA B 445 18.32 -13.78 -15.65
C ALA B 445 16.86 -14.20 -15.67
N LYS B 446 16.41 -14.79 -16.78
CA LYS B 446 15.05 -15.29 -16.85
C LYS B 446 14.82 -16.37 -15.79
N SER B 447 15.78 -17.27 -15.64
CA SER B 447 15.64 -18.33 -14.64
C SER B 447 15.54 -17.76 -13.23
N VAL B 448 16.43 -16.84 -12.87
CA VAL B 448 16.45 -16.32 -11.51
C VAL B 448 15.22 -15.48 -11.23
N THR B 449 14.75 -14.72 -12.23
CA THR B 449 13.53 -13.94 -12.04
C THR B 449 12.30 -14.83 -11.92
N SER B 450 12.26 -15.93 -12.66
CA SER B 450 11.17 -16.88 -12.49
C SER B 450 11.20 -17.46 -11.07
N GLY B 451 12.39 -17.77 -10.56
CA GLY B 451 12.49 -18.23 -9.18
C GLY B 451 11.97 -17.21 -8.19
N LEU B 452 12.31 -15.93 -8.40
CA LEU B 452 11.84 -14.89 -7.50
C LEU B 452 10.31 -14.75 -7.56
N GLY B 453 9.75 -14.81 -8.76
CA GLY B 453 8.31 -14.81 -8.90
C GLY B 453 7.66 -16.00 -8.22
N TYR B 454 8.33 -17.14 -8.20
CA TYR B 454 7.81 -18.29 -7.48
C TYR B 454 7.89 -18.07 -5.96
N MET B 455 8.91 -17.34 -5.50
CA MET B 455 9.04 -17.08 -4.06
C MET B 455 7.98 -16.12 -3.55
N HIS B 456 7.57 -15.15 -4.38
CA HIS B 456 6.54 -14.20 -3.95
C HIS B 456 5.32 -14.89 -3.34
N CYS B 457 5.01 -16.10 -3.81
CA CYS B 457 3.86 -16.84 -3.30
C CYS B 457 3.99 -17.10 -1.80
N CYS B 458 5.17 -17.52 -1.35
CA CYS B 458 5.36 -17.74 0.08
C CYS B 458 5.65 -16.45 0.83
N LEU B 459 6.16 -15.41 0.16
CA LEU B 459 6.33 -14.13 0.86
C LEU B 459 5.00 -13.52 1.30
N ASN B 460 3.95 -13.63 0.50
CA ASN B 460 2.71 -12.94 0.87
C ASN B 460 2.16 -13.33 2.24
N PRO B 461 1.96 -14.61 2.58
CA PRO B 461 1.28 -14.92 3.86
C PRO B 461 2.04 -14.44 5.09
N LEU B 462 3.37 -14.53 5.11
CA LEU B 462 4.08 -14.02 6.27
C LEU B 462 3.95 -12.51 6.38
N LEU B 463 3.83 -11.82 5.23
CA LEU B 463 3.55 -10.39 5.27
C LEU B 463 2.20 -10.11 5.91
N TYR B 464 1.17 -10.87 5.56
CA TYR B 464 -0.11 -10.68 6.25
C TYR B 464 0.01 -11.09 7.70
N ALA B 465 1.03 -11.87 8.05
CA ALA B 465 1.16 -12.38 9.41
C ALA B 465 1.78 -11.35 10.35
N PHE B 466 3.02 -10.93 10.08
CA PHE B 466 3.72 -10.19 11.14
C PHE B 466 3.21 -8.76 11.26
N VAL B 467 2.88 -8.10 10.16
CA VAL B 467 2.31 -6.76 10.19
C VAL B 467 0.80 -6.88 10.07
N GLY B 468 0.09 -6.25 11.01
CA GLY B 468 -1.35 -6.38 11.12
C GLY B 468 -1.79 -7.44 12.10
N VAL B 469 -0.90 -8.38 12.44
CA VAL B 469 -1.19 -9.46 13.38
C VAL B 469 -2.43 -10.24 12.97
#